data_3TCR
#
_entry.id   3TCR
#
_cell.length_a   173.445
_cell.length_b   173.445
_cell.length_c   173.445
_cell.angle_alpha   90.000
_cell.angle_beta   90.000
_cell.angle_gamma   90.000
#
_symmetry.space_group_name_H-M   'F 2 3'
#
loop_
_entity.id
_entity.type
_entity.pdbx_description
1 polymer 'Molybdopterin biosynthesis protein'
2 water water
#
_entity_poly.entity_id   1
_entity_poly.type   'polypeptide(L)'
_entity_poly.pdbx_seq_one_letter_code
;MAHHHHHHMGTLEAQTQGPGSMTSMSPRTVTVASMAELEAGPVGRSLVVIVNDRTAHGDQDTSGPLVTELLAEAGFVVDG
VVVVENDLSEIQNAVNTAVIGGVDLVVTVGGTGVTPRDVAPEATQPLLDRELLGIAEAIRSSGLAAGVTEAGLSRGVAGI
SGSTLVVNIAGSRAAVRDGMATLTPMAIQIIEQLSSLEI
;
_entity_poly.pdbx_strand_id   A,B
#
# COMPACT_ATOMS: atom_id res chain seq x y z
N PRO A 42 2.90 -19.47 -6.51
CA PRO A 42 3.02 -18.50 -5.41
C PRO A 42 3.53 -19.16 -4.12
N VAL A 43 4.43 -18.49 -3.42
CA VAL A 43 5.00 -19.06 -2.19
C VAL A 43 3.98 -19.07 -1.02
N GLY A 44 3.13 -18.06 -0.95
CA GLY A 44 2.16 -17.96 0.13
C GLY A 44 1.51 -16.61 0.11
N ARG A 45 0.64 -16.38 1.10
CA ARG A 45 -0.08 -15.14 1.26
C ARG A 45 0.58 -14.27 2.35
N SER A 46 0.58 -12.96 2.13
CA SER A 46 1.18 -12.01 3.05
C SER A 46 0.29 -10.82 3.35
N LEU A 47 0.55 -10.19 4.51
CA LEU A 47 -0.09 -8.94 4.89
C LEU A 47 0.94 -7.97 5.48
N VAL A 48 0.82 -6.71 5.12
CA VAL A 48 1.64 -5.66 5.63
C VAL A 48 0.87 -4.81 6.61
N VAL A 49 1.46 -4.60 7.77
CA VAL A 49 0.90 -3.73 8.81
C VAL A 49 1.82 -2.52 8.97
N ILE A 50 1.35 -1.34 8.59
CA ILE A 50 2.14 -0.10 8.74
C ILE A 50 1.85 0.43 10.12
N VAL A 51 2.87 0.56 10.96
CA VAL A 51 2.69 1.05 12.32
C VAL A 51 3.25 2.47 12.36
N ASN A 52 2.37 3.44 12.21
CA ASN A 52 2.79 4.83 12.10
C ASN A 52 1.67 5.81 12.45
N ASP A 53 1.84 6.58 13.52
CA ASP A 53 0.79 7.57 13.92
C ASP A 53 0.41 8.56 12.84
N ARG A 54 1.41 9.05 12.09
CA ARG A 54 1.17 10.02 11.04
C ARG A 54 0.46 9.42 9.86
N THR A 55 0.89 8.23 9.43
CA THR A 55 0.19 7.54 8.36
C THR A 55 -1.26 7.22 8.76
N ALA A 56 -1.49 6.87 10.04
CA ALA A 56 -2.85 6.57 10.49
C ALA A 56 -3.77 7.81 10.49
N HIS A 57 -3.20 9.03 10.35
CA HIS A 57 -4.00 10.29 10.29
C HIS A 57 -3.88 11.02 8.95
N GLY A 58 -3.43 10.33 7.91
CA GLY A 58 -3.51 10.86 6.56
C GLY A 58 -2.22 11.19 5.84
N ASP A 59 -1.07 11.08 6.52
CA ASP A 59 0.19 11.36 5.84
C ASP A 59 0.48 10.26 4.85
N GLN A 60 1.26 10.64 3.86
CA GLN A 60 1.75 9.77 2.82
C GLN A 60 2.65 8.64 3.38
N ASP A 61 2.17 7.39 3.30
CA ASP A 61 2.98 6.19 3.56
C ASP A 61 3.94 5.88 2.40
N THR A 62 5.21 6.13 2.63
CA THR A 62 6.29 5.96 1.68
C THR A 62 6.99 4.57 1.77
N SER A 63 6.64 3.78 2.79
CA SER A 63 7.28 2.48 3.01
C SER A 63 6.44 1.32 2.54
N GLY A 64 5.16 1.36 2.81
CA GLY A 64 4.26 0.26 2.42
C GLY A 64 4.31 -0.21 0.97
N PRO A 65 4.31 0.72 0.00
CA PRO A 65 4.40 0.27 -1.39
C PRO A 65 5.71 -0.47 -1.66
N LEU A 66 6.81 -0.06 -1.04
CA LEU A 66 8.05 -0.77 -1.25
C LEU A 66 7.97 -2.17 -0.65
N VAL A 67 7.38 -2.33 0.54
CA VAL A 67 7.22 -3.66 1.13
C VAL A 67 6.33 -4.57 0.22
N THR A 68 5.22 -4.02 -0.27
CA THR A 68 4.31 -4.71 -1.20
C THR A 68 5.03 -5.19 -2.44
N GLU A 69 5.80 -4.31 -3.08
CA GLU A 69 6.47 -4.69 -4.28
CA GLU A 69 6.56 -4.64 -4.28
C GLU A 69 7.58 -5.74 -3.96
N LEU A 70 8.31 -5.60 -2.86
CA LEU A 70 9.33 -6.63 -2.56
C LEU A 70 8.71 -7.99 -2.23
N LEU A 71 7.58 -8.00 -1.54
CA LEU A 71 6.84 -9.24 -1.29
C LEU A 71 6.43 -9.87 -2.60
N ALA A 72 5.81 -9.08 -3.48
CA ALA A 72 5.35 -9.62 -4.78
C ALA A 72 6.54 -10.16 -5.56
N GLU A 73 7.63 -9.42 -5.58
CA GLU A 73 8.81 -9.87 -6.33
C GLU A 73 9.43 -11.17 -5.79
N ALA A 74 9.27 -11.44 -4.49
CA ALA A 74 9.69 -12.73 -3.90
C ALA A 74 8.66 -13.83 -4.13
N GLY A 75 7.53 -13.52 -4.77
CA GLY A 75 6.53 -14.53 -5.05
C GLY A 75 5.34 -14.65 -4.11
N PHE A 76 5.19 -13.74 -3.15
CA PHE A 76 4.00 -13.75 -2.25
C PHE A 76 2.84 -13.01 -2.88
N VAL A 77 1.63 -13.48 -2.63
CA VAL A 77 0.45 -12.69 -2.86
C VAL A 77 0.37 -11.74 -1.68
N VAL A 78 0.05 -10.48 -1.95
CA VAL A 78 -0.14 -9.47 -0.92
C VAL A 78 -1.64 -9.30 -0.73
N ASP A 79 -2.18 -9.86 0.35
CA ASP A 79 -3.62 -9.83 0.58
C ASP A 79 -4.10 -8.43 0.84
N GLY A 80 -3.24 -7.57 1.40
CA GLY A 80 -3.66 -6.22 1.82
C GLY A 80 -2.63 -5.51 2.65
N VAL A 81 -2.93 -4.26 2.99
CA VAL A 81 -2.11 -3.41 3.84
C VAL A 81 -3.05 -2.85 4.88
N VAL A 82 -2.62 -2.84 6.15
CA VAL A 82 -3.35 -2.27 7.25
C VAL A 82 -2.51 -1.15 7.82
N VAL A 83 -3.11 0.00 8.10
CA VAL A 83 -2.44 1.09 8.80
C VAL A 83 -2.97 1.19 10.24
N VAL A 84 -2.09 1.21 11.22
CA VAL A 84 -2.48 1.40 12.60
C VAL A 84 -1.56 2.43 13.25
N GLU A 85 -2.04 2.98 14.36
CA GLU A 85 -1.26 3.85 15.22
C GLU A 85 -0.29 3.04 16.03
N ASN A 86 0.62 3.74 16.71
CA ASN A 86 1.50 3.13 17.70
C ASN A 86 0.74 2.90 18.96
N ASP A 87 -0.02 1.82 18.92
CA ASP A 87 -1.00 1.52 19.92
C ASP A 87 -1.08 0.01 19.99
N LEU A 88 -0.74 -0.49 21.16
CA LEU A 88 -0.63 -1.91 21.41
C LEU A 88 -1.85 -2.73 20.97
N SER A 89 -3.05 -2.34 21.39
CA SER A 89 -4.23 -3.10 21.03
C SER A 89 -4.58 -3.02 19.55
N GLU A 90 -4.31 -1.90 18.90
CA GLU A 90 -4.53 -1.81 17.45
C GLU A 90 -3.58 -2.71 16.67
N ILE A 91 -2.32 -2.67 17.04
CA ILE A 91 -1.33 -3.53 16.42
C ILE A 91 -1.70 -5.02 16.64
N GLN A 92 -2.10 -5.36 17.85
CA GLN A 92 -2.48 -6.75 18.15
C GLN A 92 -3.70 -7.16 17.34
N ASN A 93 -4.68 -6.27 17.24
CA ASN A 93 -5.86 -6.57 16.47
C ASN A 93 -5.51 -6.87 15.01
N ALA A 94 -4.64 -6.03 14.46
CA ALA A 94 -4.24 -6.16 13.06
C ALA A 94 -3.52 -7.51 12.85
N VAL A 95 -2.54 -7.83 13.70
CA VAL A 95 -1.83 -9.11 13.55
C VAL A 95 -2.77 -10.31 13.78
N ASN A 96 -3.56 -10.27 14.85
CA ASN A 96 -4.46 -11.38 15.20
C ASN A 96 -5.46 -11.60 14.07
N THR A 97 -5.84 -10.53 13.37
CA THR A 97 -6.76 -10.69 12.25
C THR A 97 -6.09 -11.47 11.10
N ALA A 98 -4.83 -11.19 10.84
CA ALA A 98 -4.10 -11.93 9.84
C ALA A 98 -3.97 -13.39 10.27
N VAL A 99 -3.69 -13.61 11.56
CA VAL A 99 -3.51 -14.96 12.13
C VAL A 99 -4.78 -15.77 11.97
N ILE A 100 -5.92 -15.18 12.32
CA ILE A 100 -7.16 -15.93 12.21
C ILE A 100 -7.57 -16.20 10.76
N GLY A 101 -7.21 -15.32 9.84
CA GLY A 101 -7.43 -15.53 8.40
C GLY A 101 -6.42 -16.48 7.74
N GLY A 102 -5.48 -17.02 8.49
CA GLY A 102 -4.55 -18.02 7.95
C GLY A 102 -3.43 -17.45 7.07
N VAL A 103 -3.13 -16.15 7.22
CA VAL A 103 -2.07 -15.55 6.44
C VAL A 103 -0.69 -16.21 6.74
N ASP A 104 0.13 -16.41 5.73
CA ASP A 104 1.45 -17.06 5.93
C ASP A 104 2.55 -16.15 6.47
N LEU A 105 2.56 -14.89 6.02
CA LEU A 105 3.55 -13.89 6.44
C LEU A 105 2.94 -12.55 6.73
N VAL A 106 3.21 -12.03 7.92
CA VAL A 106 2.87 -10.66 8.28
C VAL A 106 4.18 -9.91 8.55
N VAL A 107 4.41 -8.84 7.80
CA VAL A 107 5.52 -7.92 8.03
C VAL A 107 4.91 -6.63 8.59
N THR A 108 5.34 -6.24 9.78
CA THR A 108 4.94 -4.96 10.38
C THR A 108 6.13 -4.03 10.12
N VAL A 109 5.86 -2.75 9.88
CA VAL A 109 6.84 -1.76 9.46
C VAL A 109 6.63 -0.54 10.33
N GLY A 110 7.63 -0.19 11.15
CA GLY A 110 7.47 0.91 12.11
C GLY A 110 7.36 0.46 13.54
N GLY A 111 7.63 1.42 14.44
CA GLY A 111 7.36 1.22 15.87
C GLY A 111 8.36 0.36 16.61
N THR A 112 9.59 0.30 16.09
CA THR A 112 10.69 -0.47 16.72
C THR A 112 11.83 0.38 17.30
N GLY A 113 11.65 1.70 17.39
CA GLY A 113 12.72 2.60 17.91
C GLY A 113 12.74 2.66 19.43
N VAL A 114 13.48 3.63 19.97
CA VAL A 114 13.73 3.72 21.42
C VAL A 114 12.73 4.57 22.21
N THR A 115 11.80 5.26 21.56
CA THR A 115 10.90 6.15 22.28
C THR A 115 9.70 5.37 22.82
N PRO A 116 9.07 5.86 23.91
CA PRO A 116 7.95 5.10 24.51
C PRO A 116 6.77 4.81 23.59
N ARG A 117 6.57 5.65 22.60
CA ARG A 117 5.49 5.51 21.64
C ARG A 117 5.69 4.25 20.72
N ASP A 118 6.94 3.89 20.44
CA ASP A 118 7.28 2.67 19.66
C ASP A 118 6.93 1.35 20.40
N VAL A 119 5.79 0.75 20.06
CA VAL A 119 5.33 -0.42 20.78
C VAL A 119 5.06 -1.66 19.93
N ALA A 120 5.52 -1.69 18.68
CA ALA A 120 5.39 -2.87 17.85
C ALA A 120 5.96 -4.17 18.51
N PRO A 121 7.16 -4.11 19.08
CA PRO A 121 7.68 -5.33 19.68
C PRO A 121 6.89 -5.81 20.91
N GLU A 122 6.53 -4.88 21.79
CA GLU A 122 5.68 -5.19 22.96
C GLU A 122 4.35 -5.76 22.52
N ALA A 123 3.81 -5.26 21.41
CA ALA A 123 2.50 -5.73 20.91
C ALA A 123 2.63 -7.14 20.32
N THR A 124 3.76 -7.39 19.66
CA THR A 124 3.99 -8.65 18.94
C THR A 124 4.38 -9.84 19.82
N GLN A 125 5.37 -9.66 20.68
CA GLN A 125 5.94 -10.74 21.51
C GLN A 125 4.88 -11.61 22.21
N PRO A 126 3.86 -11.02 22.86
CA PRO A 126 2.88 -11.89 23.55
C PRO A 126 2.02 -12.77 22.64
N LEU A 127 2.00 -12.47 21.36
CA LEU A 127 1.22 -13.25 20.38
C LEU A 127 2.00 -14.45 19.83
N LEU A 128 3.31 -14.50 20.11
CA LEU A 128 4.16 -15.50 19.49
C LEU A 128 4.06 -16.83 20.24
N ASP A 129 3.76 -17.92 19.55
CA ASP A 129 3.81 -19.26 20.16
C ASP A 129 5.25 -19.72 20.30
N ARG A 130 6.08 -19.32 19.34
CA ARG A 130 7.53 -19.51 19.45
CA ARG A 130 7.52 -19.59 19.34
C ARG A 130 8.29 -18.40 18.70
N GLU A 131 9.32 -17.88 19.35
CA GLU A 131 10.14 -16.83 18.77
C GLU A 131 11.17 -17.41 17.82
N LEU A 132 11.58 -16.59 16.85
CA LEU A 132 12.61 -16.95 15.88
C LEU A 132 13.64 -15.85 15.93
N LEU A 133 14.48 -15.96 16.95
CA LEU A 133 15.49 -14.97 17.23
C LEU A 133 16.41 -14.81 16.04
N GLY A 134 16.69 -15.91 15.37
CA GLY A 134 17.52 -15.89 14.19
C GLY A 134 17.13 -14.87 13.14
N ILE A 135 15.82 -14.68 12.95
CA ILE A 135 15.32 -13.70 11.97
C ILE A 135 15.64 -12.28 12.47
N ALA A 136 15.24 -11.98 13.71
CA ALA A 136 15.41 -10.64 14.31
C ALA A 136 16.89 -10.27 14.36
N GLU A 137 17.72 -11.21 14.81
CA GLU A 137 19.18 -11.04 14.89
C GLU A 137 19.84 -10.81 13.52
N ALA A 138 19.47 -11.61 12.55
CA ALA A 138 19.98 -11.43 11.17
C ALA A 138 19.57 -10.04 10.58
N ILE A 139 18.35 -9.58 10.88
CA ILE A 139 17.89 -8.28 10.39
C ILE A 139 18.71 -7.17 11.02
N ARG A 140 18.93 -7.27 12.34
CA ARG A 140 19.76 -6.25 13.04
C ARG A 140 21.20 -6.26 12.53
N SER A 141 21.75 -7.45 12.42
CA SER A 141 23.13 -7.62 12.00
C SER A 141 23.37 -7.11 10.59
N SER A 142 22.51 -7.49 9.66
CA SER A 142 22.64 -6.97 8.28
C SER A 142 22.43 -5.46 8.21
N GLY A 143 21.49 -4.91 8.97
CA GLY A 143 21.27 -3.44 8.97
C GLY A 143 22.47 -2.67 9.51
N LEU A 144 23.09 -3.22 10.55
CA LEU A 144 24.31 -2.64 11.13
C LEU A 144 25.42 -2.66 10.10
N ALA A 145 25.66 -3.80 9.46
CA ALA A 145 26.74 -3.88 8.44
C ALA A 145 26.47 -2.95 7.27
N ALA A 146 25.20 -2.70 6.93
CA ALA A 146 24.84 -1.74 5.85
C ALA A 146 24.84 -0.25 6.29
N GLY A 147 25.12 0.01 7.56
CA GLY A 147 25.09 1.38 8.07
C GLY A 147 23.68 1.94 8.21
N VAL A 148 22.66 1.08 8.30
CA VAL A 148 21.29 1.56 8.52
C VAL A 148 20.99 1.44 10.02
N THR A 149 21.22 2.55 10.72
CA THR A 149 21.21 2.60 12.19
C THR A 149 19.90 2.14 12.79
N GLU A 150 18.78 2.60 12.23
CA GLU A 150 17.47 2.27 12.76
C GLU A 150 17.18 0.76 12.60
N ALA A 151 17.89 0.10 11.68
CA ALA A 151 17.80 -1.36 11.50
C ALA A 151 18.73 -2.12 12.48
N GLY A 152 19.96 -1.66 12.65
CA GLY A 152 20.86 -2.28 13.59
C GLY A 152 20.34 -2.23 14.99
N LEU A 153 19.67 -1.14 15.31
CA LEU A 153 19.15 -0.91 16.65
C LEU A 153 17.66 -1.33 16.82
N SER A 154 17.01 -1.77 15.74
CA SER A 154 15.60 -2.16 15.81
C SER A 154 15.31 -3.11 16.99
N ARG A 155 14.27 -2.80 17.76
CA ARG A 155 13.81 -3.71 18.81
C ARG A 155 12.85 -4.82 18.28
N GLY A 156 12.75 -4.91 16.96
CA GLY A 156 11.81 -5.82 16.33
C GLY A 156 12.00 -7.26 16.82
N VAL A 157 10.89 -7.98 16.96
CA VAL A 157 10.94 -9.42 17.20
C VAL A 157 10.38 -10.17 15.99
N ALA A 158 10.46 -11.50 16.05
CA ALA A 158 9.99 -12.37 15.00
C ALA A 158 9.60 -13.73 15.56
N GLY A 159 8.61 -14.35 14.95
CA GLY A 159 8.14 -15.66 15.43
C GLY A 159 6.91 -16.18 14.70
N ILE A 160 6.38 -17.31 15.19
CA ILE A 160 5.21 -17.97 14.62
C ILE A 160 4.07 -17.71 15.58
N SER A 161 2.94 -17.24 15.03
CA SER A 161 1.71 -17.13 15.76
C SER A 161 0.64 -17.89 14.96
N GLY A 162 0.09 -18.96 15.54
CA GLY A 162 -0.84 -19.81 14.81
C GLY A 162 -0.12 -20.45 13.61
N SER A 163 -0.61 -20.17 12.40
CA SER A 163 0.07 -20.63 11.18
C SER A 163 0.83 -19.51 10.47
N THR A 164 0.99 -18.37 11.16
CA THR A 164 1.55 -17.17 10.58
C THR A 164 2.97 -16.84 11.07
N LEU A 165 3.87 -16.58 10.13
CA LEU A 165 5.17 -16.00 10.46
C LEU A 165 4.99 -14.46 10.56
N VAL A 166 5.40 -13.89 11.70
CA VAL A 166 5.26 -12.47 12.02
C VAL A 166 6.66 -11.89 12.26
N VAL A 167 6.99 -10.83 11.54
CA VAL A 167 8.30 -10.17 11.62
C VAL A 167 8.16 -8.63 11.66
N ASN A 168 8.72 -8.03 12.70
CA ASN A 168 8.81 -6.57 12.81
C ASN A 168 10.04 -6.00 12.08
N ILE A 169 9.83 -5.02 11.21
CA ILE A 169 10.98 -4.22 10.73
C ILE A 169 10.79 -2.71 11.00
N ALA A 170 11.91 -2.00 11.05
CA ALA A 170 11.89 -0.54 11.26
C ALA A 170 11.25 0.14 10.10
N GLY A 171 10.80 1.37 10.37
CA GLY A 171 9.92 2.10 9.45
C GLY A 171 10.50 2.77 8.20
N SER A 172 11.80 3.03 8.13
CA SER A 172 12.35 3.78 7.00
C SER A 172 12.47 2.95 5.72
N ARG A 173 12.59 3.63 4.58
CA ARG A 173 12.83 2.96 3.32
C ARG A 173 14.11 2.13 3.35
N ALA A 174 15.15 2.67 3.98
CA ALA A 174 16.44 1.98 4.01
C ALA A 174 16.32 0.68 4.82
N ALA A 175 15.60 0.74 5.95
CA ALA A 175 15.36 -0.42 6.81
C ALA A 175 14.51 -1.45 6.09
N VAL A 176 13.46 -1.01 5.39
CA VAL A 176 12.60 -1.96 4.64
C VAL A 176 13.40 -2.65 3.53
N ARG A 177 14.26 -1.90 2.86
CA ARG A 177 15.07 -2.47 1.79
CA ARG A 177 15.08 -2.45 1.78
C ARG A 177 16.00 -3.57 2.32
N ASP A 178 16.77 -3.22 3.33
CA ASP A 178 17.73 -4.15 3.88
C ASP A 178 17.05 -5.32 4.64
N GLY A 179 16.03 -5.02 5.42
CA GLY A 179 15.28 -6.02 6.20
C GLY A 179 14.59 -7.06 5.34
N MET A 180 13.94 -6.57 4.28
CA MET A 180 13.28 -7.46 3.32
C MET A 180 14.28 -8.35 2.59
N ALA A 181 15.44 -7.83 2.21
CA ALA A 181 16.46 -8.67 1.52
C ALA A 181 16.92 -9.83 2.43
N THR A 182 17.03 -9.56 3.71
CA THR A 182 17.41 -10.58 4.71
C THR A 182 16.25 -11.55 4.99
N LEU A 183 15.06 -10.99 5.11
CA LEU A 183 13.89 -11.74 5.55
C LEU A 183 13.31 -12.67 4.52
N THR A 184 13.13 -12.20 3.29
CA THR A 184 12.33 -12.97 2.36
C THR A 184 12.86 -14.37 2.04
N PRO A 185 14.19 -14.56 1.92
CA PRO A 185 14.58 -15.99 1.73
C PRO A 185 14.30 -16.86 2.96
N MET A 186 14.42 -16.29 4.14
CA MET A 186 14.13 -17.02 5.37
C MET A 186 12.65 -17.38 5.44
N ALA A 187 11.81 -16.43 5.11
CA ALA A 187 10.37 -16.61 5.14
C ALA A 187 9.94 -17.68 4.13
N ILE A 188 10.48 -17.63 2.91
CA ILE A 188 10.22 -18.67 1.91
C ILE A 188 10.57 -20.05 2.48
N GLN A 189 11.73 -20.18 3.13
CA GLN A 189 12.13 -21.47 3.65
C GLN A 189 11.24 -21.99 4.78
N ILE A 190 10.78 -21.08 5.64
CA ILE A 190 9.93 -21.46 6.75
C ILE A 190 8.56 -21.90 6.22
N ILE A 191 8.02 -21.09 5.30
CA ILE A 191 6.72 -21.38 4.72
C ILE A 191 6.75 -22.64 3.84
N GLU A 192 7.80 -22.82 3.04
CA GLU A 192 7.92 -23.99 2.19
C GLU A 192 8.05 -25.24 3.03
N GLN A 193 8.77 -25.14 4.15
CA GLN A 193 8.86 -26.21 5.11
C GLN A 193 7.52 -26.56 5.76
N LEU A 194 6.72 -25.56 6.11
CA LEU A 194 5.42 -25.82 6.73
C LEU A 194 4.47 -26.56 5.76
N SER A 195 4.41 -26.14 4.50
CA SER A 195 3.53 -26.77 3.52
C SER A 195 4.07 -28.11 3.02
N SER A 196 5.38 -28.33 3.10
CA SER A 196 5.97 -29.65 2.80
C SER A 196 5.75 -30.66 3.94
N LEU A 197 5.40 -30.19 5.15
CA LEU A 197 4.85 -31.07 6.19
C LEU A 197 3.55 -31.77 5.68
N GLU A 198 2.94 -31.17 4.66
CA GLU A 198 1.67 -31.63 4.07
C GLU A 198 0.60 -31.79 5.17
N ILE A 199 0.56 -30.85 6.12
CA ILE A 199 -0.37 -30.90 7.27
C ILE A 199 -1.80 -30.60 6.80
N PRO B 42 12.23 4.89 -15.95
CA PRO B 42 10.91 5.06 -15.30
C PRO B 42 10.03 6.07 -16.05
N VAL B 43 8.75 5.77 -16.20
CA VAL B 43 7.85 6.67 -16.93
C VAL B 43 7.53 7.96 -16.13
N GLY B 44 7.43 7.84 -14.83
CA GLY B 44 7.10 8.99 -13.99
C GLY B 44 6.83 8.54 -12.59
N ARG B 45 6.48 9.49 -11.74
CA ARG B 45 6.17 9.26 -10.34
C ARG B 45 4.65 9.21 -10.13
N SER B 46 4.20 8.33 -9.25
CA SER B 46 2.78 8.15 -8.96
C SER B 46 2.46 8.14 -7.48
N LEU B 47 1.21 8.48 -7.16
CA LEU B 47 0.68 8.37 -5.81
C LEU B 47 -0.73 7.77 -5.85
N VAL B 48 -0.99 6.88 -4.90
CA VAL B 48 -2.27 6.26 -4.74
C VAL B 48 -2.97 6.84 -3.51
N VAL B 49 -4.24 7.22 -3.70
CA VAL B 49 -5.07 7.72 -2.64
C VAL B 49 -6.23 6.76 -2.44
N ILE B 50 -6.26 6.06 -1.30
CA ILE B 50 -7.34 5.12 -1.00
C ILE B 50 -8.43 5.92 -0.34
N VAL B 51 -9.62 5.95 -0.92
CA VAL B 51 -10.74 6.69 -0.34
C VAL B 51 -11.72 5.69 0.24
N ASN B 52 -11.60 5.44 1.53
CA ASN B 52 -12.38 4.41 2.19
C ASN B 52 -12.53 4.63 3.70
N ASP B 53 -13.73 4.87 4.19
CA ASP B 53 -13.93 5.10 5.64
C ASP B 53 -13.40 3.98 6.53
N ARG B 54 -13.63 2.75 6.10
CA ARG B 54 -13.20 1.60 6.87
C ARG B 54 -11.70 1.44 6.88
N THR B 55 -11.07 1.59 5.72
CA THR B 55 -9.60 1.55 5.67
C THR B 55 -9.01 2.69 6.51
N ALA B 56 -9.63 3.85 6.53
CA ALA B 56 -9.12 4.96 7.34
C ALA B 56 -9.21 4.69 8.85
N HIS B 57 -9.97 3.68 9.27
CA HIS B 57 -10.11 3.31 10.71
C HIS B 57 -9.56 1.93 11.02
N GLY B 58 -8.72 1.37 10.15
CA GLY B 58 -7.96 0.17 10.48
C GLY B 58 -8.28 -1.10 9.73
N ASP B 59 -9.30 -1.10 8.86
CA ASP B 59 -9.60 -2.32 8.11
C ASP B 59 -8.53 -2.53 7.07
N GLN B 60 -8.40 -3.79 6.71
CA GLN B 60 -7.50 -4.26 5.70
C GLN B 60 -7.84 -3.66 4.31
N ASP B 61 -6.97 -2.79 3.80
CA ASP B 61 -7.00 -2.32 2.41
C ASP B 61 -6.51 -3.40 1.42
N THR B 62 -7.46 -3.97 0.69
CA THR B 62 -7.26 -5.03 -0.27
C THR B 62 -7.03 -4.53 -1.72
N SER B 63 -7.24 -3.23 -1.94
CA SER B 63 -7.14 -2.66 -3.28
C SER B 63 -5.82 -1.96 -3.54
N GLY B 64 -5.36 -1.19 -2.57
CA GLY B 64 -4.11 -0.44 -2.73
C GLY B 64 -2.88 -1.22 -3.19
N PRO B 65 -2.62 -2.39 -2.61
CA PRO B 65 -1.46 -3.14 -3.09
C PRO B 65 -1.59 -3.55 -4.55
N LEU B 66 -2.79 -3.86 -5.00
CA LEU B 66 -2.96 -4.18 -6.40
C LEU B 66 -2.68 -2.96 -7.28
N VAL B 67 -3.16 -1.76 -6.88
CA VAL B 67 -2.88 -0.55 -7.64
C VAL B 67 -1.35 -0.26 -7.71
N THR B 68 -0.69 -0.39 -6.57
CA THR B 68 0.78 -0.25 -6.45
C THR B 68 1.52 -1.18 -7.41
N GLU B 69 1.16 -2.47 -7.39
CA GLU B 69 1.79 -3.46 -8.23
C GLU B 69 1.55 -3.11 -9.72
N LEU B 70 0.32 -2.75 -10.08
CA LEU B 70 0.07 -2.44 -11.48
C LEU B 70 0.79 -1.18 -11.95
N LEU B 71 0.89 -0.17 -11.10
CA LEU B 71 1.66 1.02 -11.41
C LEU B 71 3.11 0.65 -11.65
N ALA B 72 3.69 -0.12 -10.73
CA ALA B 72 5.12 -0.48 -10.87
C ALA B 72 5.31 -1.30 -12.15
N GLU B 73 4.43 -2.23 -12.42
CA GLU B 73 4.55 -3.05 -13.64
C GLU B 73 4.45 -2.25 -14.95
N ALA B 74 3.73 -1.12 -14.92
CA ALA B 74 3.68 -0.21 -16.08
C ALA B 74 4.88 0.74 -16.12
N GLY B 75 5.78 0.65 -15.15
CA GLY B 75 6.97 1.49 -15.15
C GLY B 75 6.95 2.75 -14.31
N PHE B 76 5.95 2.97 -13.47
CA PHE B 76 5.93 4.15 -12.57
C PHE B 76 6.63 3.85 -11.26
N VAL B 77 7.30 4.85 -10.69
CA VAL B 77 7.73 4.82 -9.31
C VAL B 77 6.46 5.15 -8.51
N VAL B 78 6.24 4.41 -7.44
CA VAL B 78 5.13 4.66 -6.53
C VAL B 78 5.70 5.40 -5.33
N ASP B 79 5.46 6.70 -5.26
CA ASP B 79 6.03 7.51 -4.18
C ASP B 79 5.43 7.12 -2.83
N GLY B 80 4.18 6.65 -2.81
CA GLY B 80 3.48 6.40 -1.56
C GLY B 80 2.01 6.09 -1.75
N VAL B 81 1.34 5.78 -0.64
CA VAL B 81 -0.10 5.51 -0.58
C VAL B 81 -0.63 6.39 0.55
N VAL B 82 -1.76 7.04 0.32
CA VAL B 82 -2.43 7.85 1.32
C VAL B 82 -3.79 7.25 1.52
N VAL B 83 -4.21 7.10 2.78
CA VAL B 83 -5.57 6.65 3.09
C VAL B 83 -6.35 7.82 3.64
N VAL B 84 -7.54 8.07 3.11
CA VAL B 84 -8.42 9.10 3.62
C VAL B 84 -9.84 8.55 3.73
N GLU B 85 -10.65 9.26 4.50
CA GLU B 85 -12.07 9.01 4.62
C GLU B 85 -12.78 9.58 3.42
N ASN B 86 -14.07 9.23 3.30
CA ASN B 86 -14.95 9.84 2.31
C ASN B 86 -15.35 11.20 2.79
N ASP B 87 -14.42 12.12 2.59
CA ASP B 87 -14.47 13.44 3.14
C ASP B 87 -13.79 14.35 2.16
N LEU B 88 -14.57 15.27 1.65
CA LEU B 88 -14.16 16.16 0.61
C LEU B 88 -12.84 16.88 0.88
N SER B 89 -12.71 17.53 2.04
CA SER B 89 -11.49 18.25 2.34
C SER B 89 -10.27 17.33 2.54
N GLU B 90 -10.47 16.14 3.07
CA GLU B 90 -9.33 15.19 3.18
C GLU B 90 -8.85 14.70 1.83
N ILE B 91 -9.79 14.36 0.97
CA ILE B 91 -9.46 13.94 -0.37
C ILE B 91 -8.72 15.07 -1.10
N GLN B 92 -9.23 16.29 -0.97
CA GLN B 92 -8.62 17.44 -1.64
C GLN B 92 -7.20 17.68 -1.10
N ASN B 93 -7.05 17.56 0.20
CA ASN B 93 -5.74 17.76 0.80
C ASN B 93 -4.72 16.75 0.26
N ALA B 94 -5.15 15.51 0.16
CA ALA B 94 -4.31 14.43 -0.36
C ALA B 94 -3.88 14.71 -1.80
N VAL B 95 -4.86 15.00 -2.67
CA VAL B 95 -4.53 15.27 -4.07
C VAL B 95 -3.65 16.53 -4.21
N ASN B 96 -4.03 17.62 -3.53
CA ASN B 96 -3.29 18.89 -3.63
C ASN B 96 -1.87 18.69 -3.14
N THR B 97 -1.66 17.80 -2.17
CA THR B 97 -0.31 17.54 -1.71
C THR B 97 0.53 16.86 -2.80
N ALA B 98 -0.06 15.92 -3.53
CA ALA B 98 0.62 15.30 -4.64
C ALA B 98 0.92 16.36 -5.72
N VAL B 99 -0.06 17.23 -5.97
CA VAL B 99 0.06 18.26 -7.00
C VAL B 99 1.20 19.20 -6.67
N ILE B 100 1.27 19.64 -5.43
CA ILE B 100 2.33 20.57 -5.06
C ILE B 100 3.71 19.92 -5.05
N GLY B 101 3.78 18.62 -4.78
CA GLY B 101 5.04 17.84 -4.87
C GLY B 101 5.42 17.45 -6.30
N GLY B 102 4.64 17.84 -7.31
CA GLY B 102 5.01 17.56 -8.70
C GLY B 102 4.79 16.12 -9.16
N VAL B 103 3.94 15.37 -8.47
CA VAL B 103 3.67 13.99 -8.86
C VAL B 103 3.02 13.92 -10.26
N ASP B 104 3.42 12.94 -11.05
CA ASP B 104 2.90 12.83 -12.45
C ASP B 104 1.52 12.19 -12.56
N LEU B 105 1.26 11.18 -11.73
CA LEU B 105 -0.02 10.46 -11.74
C LEU B 105 -0.55 10.20 -10.34
N VAL B 106 -1.78 10.60 -10.10
CA VAL B 106 -2.49 10.28 -8.88
C VAL B 106 -3.70 9.44 -9.28
N VAL B 107 -3.79 8.22 -8.75
CA VAL B 107 -4.96 7.37 -8.89
C VAL B 107 -5.65 7.31 -7.52
N THR B 108 -6.91 7.73 -7.47
CA THR B 108 -7.74 7.63 -6.28
C THR B 108 -8.62 6.40 -6.50
N VAL B 109 -8.91 5.66 -5.43
CA VAL B 109 -9.56 4.36 -5.48
C VAL B 109 -10.63 4.38 -4.41
N GLY B 110 -11.90 4.31 -4.82
CA GLY B 110 -13.01 4.42 -3.89
C GLY B 110 -13.77 5.72 -4.01
N GLY B 111 -15.00 5.70 -3.48
CA GLY B 111 -15.79 6.91 -3.35
C GLY B 111 -16.43 7.43 -4.62
N THR B 112 -16.68 6.55 -5.58
CA THR B 112 -17.35 6.88 -6.84
C THR B 112 -18.76 6.28 -7.03
N GLY B 113 -19.33 5.68 -5.99
CA GLY B 113 -20.67 5.07 -6.09
C GLY B 113 -21.80 6.06 -5.94
N VAL B 114 -23.01 5.57 -5.77
CA VAL B 114 -24.22 6.41 -5.79
C VAL B 114 -24.66 6.94 -4.43
N THR B 115 -24.03 6.54 -3.33
CA THR B 115 -24.50 6.97 -2.00
C THR B 115 -23.91 8.34 -1.67
N PRO B 116 -24.59 9.12 -0.80
CA PRO B 116 -24.10 10.47 -0.49
C PRO B 116 -22.68 10.54 0.09
N ARG B 117 -22.26 9.49 0.76
CA ARG B 117 -20.95 9.41 1.37
C ARG B 117 -19.81 9.37 0.29
N ASP B 118 -20.08 8.79 -0.87
CA ASP B 118 -19.14 8.76 -2.03
C ASP B 118 -18.87 10.16 -2.64
N VAL B 119 -17.77 10.80 -2.25
CA VAL B 119 -17.51 12.17 -2.68
C VAL B 119 -16.17 12.39 -3.41
N ALA B 120 -15.51 11.32 -3.84
CA ALA B 120 -14.28 11.45 -4.64
C ALA B 120 -14.44 12.37 -5.89
N PRO B 121 -15.50 12.16 -6.68
CA PRO B 121 -15.65 13.02 -7.85
C PRO B 121 -15.89 14.51 -7.51
N GLU B 122 -16.76 14.76 -6.54
CA GLU B 122 -17.03 16.13 -6.06
C GLU B 122 -15.73 16.78 -5.56
N ALA B 123 -14.88 15.97 -4.93
CA ALA B 123 -13.65 16.47 -4.33
C ALA B 123 -12.63 16.80 -5.42
N THR B 124 -12.63 15.97 -6.46
CA THR B 124 -11.65 16.05 -7.53
C THR B 124 -11.93 17.13 -8.59
N GLN B 125 -13.16 17.16 -9.09
CA GLN B 125 -13.55 18.07 -10.19
C GLN B 125 -13.09 19.53 -10.00
N PRO B 126 -13.30 20.13 -8.81
CA PRO B 126 -12.87 21.56 -8.68
C PRO B 126 -11.38 21.82 -8.71
N LEU B 127 -10.58 20.76 -8.58
CA LEU B 127 -9.13 20.88 -8.63
C LEU B 127 -8.57 20.79 -10.07
N LEU B 128 -9.43 20.41 -11.01
CA LEU B 128 -8.96 20.13 -12.38
C LEU B 128 -8.82 21.43 -13.15
N ASP B 129 -7.66 21.68 -13.75
CA ASP B 129 -7.50 22.83 -14.65
C ASP B 129 -8.13 22.51 -16.00
N ARG B 130 -8.08 21.22 -16.38
CA ARG B 130 -8.82 20.75 -17.56
CA ARG B 130 -8.73 20.73 -17.61
C ARG B 130 -9.20 19.27 -17.41
N GLU B 131 -10.45 18.94 -17.76
CA GLU B 131 -10.93 17.58 -17.65
C GLU B 131 -10.52 16.76 -18.85
N LEU B 132 -10.40 15.45 -18.64
CA LEU B 132 -10.08 14.50 -19.68
C LEU B 132 -11.16 13.44 -19.66
N LEU B 133 -12.27 13.83 -20.27
CA LEU B 133 -13.46 12.99 -20.29
C LEU B 133 -13.15 11.64 -20.93
N GLY B 134 -12.28 11.65 -21.94
CA GLY B 134 -11.89 10.45 -22.61
C GLY B 134 -11.39 9.35 -21.71
N ILE B 135 -10.66 9.71 -20.65
CA ILE B 135 -10.17 8.73 -19.68
C ILE B 135 -11.37 8.15 -18.88
N ALA B 136 -12.18 9.05 -18.31
CA ALA B 136 -13.34 8.66 -17.46
C ALA B 136 -14.30 7.79 -18.25
N GLU B 137 -14.62 8.22 -19.47
CA GLU B 137 -15.52 7.49 -20.38
C GLU B 137 -14.99 6.11 -20.78
N ALA B 138 -13.71 6.05 -21.14
CA ALA B 138 -13.10 4.77 -21.49
C ALA B 138 -13.10 3.76 -20.30
N ILE B 139 -12.87 4.27 -19.08
CA ILE B 139 -12.90 3.44 -17.88
C ILE B 139 -14.30 2.89 -17.66
N ARG B 140 -15.31 3.75 -17.79
CA ARG B 140 -16.73 3.31 -17.63
C ARG B 140 -17.12 2.29 -18.70
N SER B 141 -16.77 2.61 -19.93
CA SER B 141 -17.08 1.77 -21.05
C SER B 141 -16.43 0.39 -20.97
N SER B 142 -15.14 0.35 -20.69
CA SER B 142 -14.46 -0.96 -20.50
C SER B 142 -15.01 -1.75 -19.30
N GLY B 143 -15.31 -1.07 -18.20
CA GLY B 143 -15.89 -1.77 -17.04
C GLY B 143 -17.25 -2.39 -17.35
N LEU B 144 -18.06 -1.65 -18.09
CA LEU B 144 -19.39 -2.14 -18.52
C LEU B 144 -19.24 -3.38 -19.40
N ALA B 145 -18.37 -3.29 -20.41
CA ALA B 145 -18.15 -4.44 -21.31
C ALA B 145 -17.60 -5.64 -20.55
N ALA B 146 -16.81 -5.44 -19.48
CA ALA B 146 -16.29 -6.56 -18.66
C ALA B 146 -17.28 -7.04 -17.57
N GLY B 147 -18.47 -6.45 -17.50
CA GLY B 147 -19.45 -6.84 -16.49
C GLY B 147 -19.09 -6.39 -15.07
N VAL B 148 -18.24 -5.37 -14.93
CA VAL B 148 -17.91 -4.85 -13.60
C VAL B 148 -18.76 -3.59 -13.37
N THR B 149 -19.91 -3.82 -12.73
CA THR B 149 -20.96 -2.83 -12.58
C THR B 149 -20.51 -1.54 -11.91
N GLU B 150 -19.75 -1.67 -10.84
CA GLU B 150 -19.28 -0.50 -10.10
C GLU B 150 -18.31 0.35 -10.96
N ALA B 151 -17.71 -0.27 -11.99
CA ALA B 151 -16.86 0.44 -12.95
C ALA B 151 -17.69 1.11 -14.07
N GLY B 152 -18.67 0.40 -14.63
CA GLY B 152 -19.52 0.96 -15.65
C GLY B 152 -20.28 2.14 -15.15
N LEU B 153 -20.67 2.09 -13.88
CA LEU B 153 -21.47 3.14 -13.24
C LEU B 153 -20.62 4.18 -12.46
N SER B 154 -19.31 3.97 -12.35
CA SER B 154 -18.45 4.90 -11.59
C SER B 154 -18.71 6.37 -11.97
N ARG B 155 -18.85 7.23 -10.95
CA ARG B 155 -18.94 8.67 -11.19
C ARG B 155 -17.56 9.35 -11.31
N GLY B 156 -16.51 8.53 -11.38
CA GLY B 156 -15.16 9.04 -11.37
C GLY B 156 -14.94 10.10 -12.47
N VAL B 157 -14.13 11.09 -12.18
CA VAL B 157 -13.66 12.05 -13.19
C VAL B 157 -12.16 11.88 -13.39
N ALA B 158 -11.62 12.62 -14.36
CA ALA B 158 -10.19 12.59 -14.70
C ALA B 158 -9.78 13.90 -15.34
N GLY B 159 -8.55 14.30 -15.08
CA GLY B 159 -8.06 15.54 -15.64
C GLY B 159 -6.65 15.88 -15.16
N ILE B 160 -6.20 17.09 -15.54
CA ILE B 160 -4.89 17.59 -15.16
C ILE B 160 -5.10 18.64 -14.09
N SER B 161 -4.34 18.53 -13.01
CA SER B 161 -4.24 19.56 -12.00
C SER B 161 -2.76 19.92 -11.84
N GLY B 162 -2.40 21.16 -12.16
CA GLY B 162 -1.02 21.55 -12.16
C GLY B 162 -0.23 20.74 -13.19
N SER B 163 0.75 19.98 -12.72
CA SER B 163 1.52 19.09 -13.61
C SER B 163 1.12 17.62 -13.41
N THR B 164 0.01 17.40 -12.70
CA THR B 164 -0.44 16.08 -12.29
C THR B 164 -1.69 15.57 -13.05
N LEU B 165 -1.59 14.35 -13.58
CA LEU B 165 -2.78 13.65 -14.07
C LEU B 165 -3.48 12.96 -12.87
N VAL B 166 -4.78 13.23 -12.69
CA VAL B 166 -5.58 12.74 -11.60
C VAL B 166 -6.75 11.97 -12.16
N VAL B 167 -6.91 10.73 -11.71
CA VAL B 167 -7.94 9.82 -12.19
C VAL B 167 -8.62 9.06 -11.03
N ASN B 168 -9.93 9.19 -10.93
CA ASN B 168 -10.72 8.40 -9.98
C ASN B 168 -11.07 7.01 -10.53
N ILE B 169 -10.82 5.96 -9.75
CA ILE B 169 -11.45 4.65 -10.05
C ILE B 169 -12.24 4.09 -8.85
N ALA B 170 -13.20 3.21 -9.15
CA ALA B 170 -14.03 2.57 -8.14
C ALA B 170 -13.18 1.69 -7.28
N GLY B 171 -13.70 1.41 -6.09
CA GLY B 171 -12.92 0.78 -5.03
C GLY B 171 -12.65 -0.73 -5.03
N SER B 172 -13.40 -1.52 -5.79
CA SER B 172 -13.22 -2.99 -5.75
C SER B 172 -11.98 -3.47 -6.51
N ARG B 173 -11.55 -4.69 -6.20
CA ARG B 173 -10.44 -5.30 -6.93
C ARG B 173 -10.75 -5.40 -8.42
N ALA B 174 -11.99 -5.74 -8.75
CA ALA B 174 -12.36 -5.94 -10.16
C ALA B 174 -12.27 -4.59 -10.91
N ALA B 175 -12.74 -3.52 -10.28
CA ALA B 175 -12.68 -2.16 -10.84
C ALA B 175 -11.23 -1.71 -10.99
N VAL B 176 -10.38 -1.97 -10.00
CA VAL B 176 -8.97 -1.56 -10.08
C VAL B 176 -8.26 -2.31 -11.22
N ARG B 177 -8.57 -3.60 -11.36
CA ARG B 177 -7.95 -4.39 -12.40
CA ARG B 177 -7.95 -4.41 -12.40
C ARG B 177 -8.32 -3.88 -13.79
N ASP B 178 -9.62 -3.72 -14.03
CA ASP B 178 -10.09 -3.26 -15.33
C ASP B 178 -9.72 -1.76 -15.59
N GLY B 179 -9.88 -0.91 -14.58
CA GLY B 179 -9.58 0.54 -14.71
C GLY B 179 -8.14 0.83 -15.00
N MET B 180 -7.27 0.12 -14.27
CA MET B 180 -5.83 0.24 -14.50
C MET B 180 -5.43 -0.22 -15.90
N ALA B 181 -5.99 -1.32 -16.39
CA ALA B 181 -5.63 -1.82 -17.74
C ALA B 181 -5.98 -0.77 -18.81
N THR B 182 -7.08 -0.07 -18.61
CA THR B 182 -7.50 1.00 -19.53
C THR B 182 -6.64 2.25 -19.33
N LEU B 183 -6.38 2.59 -18.06
CA LEU B 183 -5.76 3.87 -17.72
C LEU B 183 -4.27 3.94 -18.03
N THR B 184 -3.52 2.90 -17.68
CA THR B 184 -2.06 3.05 -17.69
C THR B 184 -1.46 3.36 -19.05
N PRO B 185 -1.97 2.76 -20.15
CA PRO B 185 -1.39 3.24 -21.44
C PRO B 185 -1.73 4.70 -21.75
N MET B 186 -2.92 5.14 -21.36
CA MET B 186 -3.30 6.54 -21.57
C MET B 186 -2.40 7.49 -20.76
N ALA B 187 -2.18 7.13 -19.50
CA ALA B 187 -1.37 7.90 -18.61
C ALA B 187 0.09 7.99 -19.09
N ILE B 188 0.65 6.87 -19.55
CA ILE B 188 2.00 6.87 -20.15
C ILE B 188 2.07 7.85 -21.33
N GLN B 189 1.06 7.85 -22.20
CA GLN B 189 1.08 8.73 -23.37
C GLN B 189 0.96 10.20 -22.99
N ILE B 190 0.17 10.52 -21.97
CA ILE B 190 -0.02 11.90 -21.56
C ILE B 190 1.28 12.40 -20.91
N ILE B 191 1.83 11.58 -20.02
CA ILE B 191 3.06 11.95 -19.31
C ILE B 191 4.24 12.03 -20.28
N GLU B 192 4.34 11.10 -21.22
CA GLU B 192 5.45 11.10 -22.17
C GLU B 192 5.37 12.31 -23.07
N GLN B 193 4.15 12.68 -23.42
CA GLN B 193 3.92 13.91 -24.17
C GLN B 193 4.31 15.18 -23.38
N LEU B 194 4.01 15.23 -22.10
CA LEU B 194 4.37 16.40 -21.30
C LEU B 194 5.90 16.59 -21.20
N SER B 195 6.64 15.50 -20.96
CA SER B 195 8.09 15.58 -20.84
C SER B 195 8.79 15.73 -22.18
N SER B 196 8.14 15.31 -23.27
CA SER B 196 8.68 15.56 -24.62
C SER B 196 8.45 17.00 -25.09
N LEU B 197 7.55 17.74 -24.41
CA LEU B 197 7.50 19.21 -24.56
C LEU B 197 8.87 19.83 -24.17
N GLU B 198 9.64 19.07 -23.39
CA GLU B 198 10.94 19.50 -22.86
C GLU B 198 10.81 20.84 -22.12
N ILE B 199 9.72 21.00 -21.35
CA ILE B 199 9.45 22.24 -20.59
C ILE B 199 10.44 22.38 -19.43
#